data_8CMA
#
_entry.id   8CMA
#
_cell.length_a   195.782
_cell.length_b   85.119
_cell.length_c   56.974
_cell.angle_alpha   90.000
_cell.angle_beta   102.030
_cell.angle_gamma   90.000
#
_symmetry.space_group_name_H-M   'C 1 2 1'
#
loop_
_entity.id
_entity.type
_entity.pdbx_description
1 polymer 'BA.4/5-35 heavy chain'
2 polymer 'Spike protein S1'
3 polymer 'BA.4/5-35 light chain'
4 non-polymer 2-acetamido-2-deoxy-beta-D-glucopyranose
#
loop_
_entity_poly.entity_id
_entity_poly.type
_entity_poly.pdbx_seq_one_letter_code
_entity_poly.pdbx_strand_id
1 'polypeptide(L)'
;QVQLQQSGGGLVQPGGSLRLSCAASGITVSVNYMSWVRQAPGKGLEWVSLIFAGGSTFYADSVKGRFTISRDNSKNTLFL
HMNSLRLEDTAVYYCARDLGPVGATDYWGQGTLVTVSSASTKGPSVFPLAPSSKSTSGGTAALGCLVKDYFPEPVTVSWN
SGALTSGVHTFPAVLQSSGLYSLSSVVTVPSSSLGTQTYICNVNHKPSNTKVDKRVEPKSCDK
;
H
2 'polypeptide(L)'
;HHHHHHTNLCPFGEVFNATRFASVYAWNRKRISNCVADYSVLYNSASFSTFKCYGVSPTKLNDLCFTNVYADSFVIRGDE
VRQIAPGQTGKIADYNYKLPDDFTGCVIAWNSNNLDSKVGGNYNYRYRLFRKSNLKPFERDISTEIYQAGSKPCNGVEGF
NCYFPLQSYGFQPTNGVGYQPYRVVVLSFELLHAPATVCGKK
;
E
3 'polypeptide(L)'
;DIVMTQTPATLSVSPGERATLSCRASQSVSSNLAWYQQKPGQAPRLLIYGASTRATGIPARFSGSGSETEFTLTISSLQS
EDFALYYCQQYHTWPPMYTFGQGTKVEIKRTVAAPSVFIFPPSDEQLKSGTASVVCLLNNFYPREAKVQWKVDNALQSGN
SQESVTEQDSKDSTYSLSSTLTLSKADYEKHKVYACEVTHQGLSSPVTKSFNRGEC
;
L
#
loop_
_chem_comp.id
_chem_comp.type
_chem_comp.name
_chem_comp.formula
NAG D-saccharide, beta linking 2-acetamido-2-deoxy-beta-D-glucopyranose 'C8 H15 N O6'
#
# COMPACT_ATOMS: atom_id res chain seq x y z
N GLN A 1 -3.09 -11.02 23.96
CA GLN A 1 -2.37 -11.41 22.77
C GLN A 1 -2.03 -10.19 21.92
N VAL A 2 -1.43 -10.43 20.76
CA VAL A 2 -1.07 -9.38 19.81
C VAL A 2 -2.17 -9.36 18.75
N GLN A 3 -3.02 -8.33 18.80
CA GLN A 3 -4.18 -8.28 17.92
C GLN A 3 -4.53 -6.85 17.59
N LEU A 4 -4.93 -6.63 16.34
CA LEU A 4 -5.37 -5.31 15.85
C LEU A 4 -6.74 -5.52 15.21
N GLN A 5 -7.79 -5.50 16.01
CA GLN A 5 -9.15 -5.70 15.53
C GLN A 5 -9.74 -4.36 15.09
N GLN A 6 -10.31 -4.35 13.88
CA GLN A 6 -10.85 -3.14 13.28
C GLN A 6 -12.37 -3.19 13.24
N SER A 7 -12.96 -2.04 12.91
CA SER A 7 -14.41 -1.88 12.80
C SER A 7 -14.69 -0.48 12.25
N GLY A 8 -15.94 -0.25 11.88
CA GLY A 8 -16.39 1.05 11.43
C GLY A 8 -16.58 1.21 9.94
N GLY A 9 -16.19 0.22 9.15
CA GLY A 9 -16.31 0.33 7.70
C GLY A 9 -17.72 0.08 7.21
N GLY A 10 -17.95 0.46 5.96
CA GLY A 10 -19.25 0.25 5.34
C GLY A 10 -19.44 1.19 4.16
N LEU A 11 -20.70 1.41 3.81
CA LEU A 11 -21.07 2.25 2.68
C LEU A 11 -21.21 3.70 3.12
N VAL A 12 -20.61 4.61 2.36
CA VAL A 12 -20.67 6.04 2.63
C VAL A 12 -20.81 6.79 1.31
N GLN A 13 -21.72 7.77 1.29
CA GLN A 13 -21.93 8.57 0.10
C GLN A 13 -20.72 9.48 -0.15
N PRO A 14 -20.38 9.73 -1.41
CA PRO A 14 -19.26 10.64 -1.71
C PRO A 14 -19.45 12.01 -1.10
N GLY A 15 -18.48 12.42 -0.29
CA GLY A 15 -18.49 13.71 0.37
C GLY A 15 -18.78 13.64 1.86
N GLY A 16 -19.32 12.53 2.33
CA GLY A 16 -19.68 12.39 3.73
C GLY A 16 -18.48 12.11 4.62
N SER A 17 -18.77 11.55 5.79
CA SER A 17 -17.75 11.25 6.79
C SER A 17 -17.89 9.81 7.26
N LEU A 18 -16.76 9.23 7.66
CA LEU A 18 -16.73 7.89 8.22
C LEU A 18 -15.50 7.78 9.12
N ARG A 19 -15.68 7.15 10.28
CA ARG A 19 -14.63 7.00 11.27
C ARG A 19 -14.33 5.52 11.48
N LEU A 20 -13.06 5.16 11.34
CA LEU A 20 -12.62 3.78 11.50
C LEU A 20 -11.97 3.60 12.87
N SER A 21 -12.13 2.39 13.42
CA SER A 21 -11.56 2.05 14.71
C SER A 21 -10.53 0.93 14.54
N CYS A 22 -9.53 0.92 15.44
CA CYS A 22 -8.44 -0.05 15.40
C CYS A 22 -8.10 -0.41 16.85
N ALA A 23 -8.88 -1.31 17.43
CA ALA A 23 -8.64 -1.74 18.80
C ALA A 23 -7.38 -2.57 18.88
N ALA A 24 -6.50 -2.24 19.83
CA ALA A 24 -5.22 -2.89 19.98
C ALA A 24 -5.19 -3.76 21.23
N SER A 25 -4.48 -4.88 21.14
CA SER A 25 -4.31 -5.80 22.24
C SER A 25 -2.82 -6.12 22.39
N GLY A 26 -2.31 -6.04 23.62
CA GLY A 26 -0.91 -6.32 23.87
C GLY A 26 0.03 -5.22 23.41
N ILE A 27 -0.35 -4.53 22.34
CA ILE A 27 0.43 -3.42 21.80
C ILE A 27 -0.23 -2.11 22.23
N THR A 28 0.57 -1.23 22.81
CA THR A 28 0.10 0.06 23.30
C THR A 28 0.18 1.08 22.17
N VAL A 29 -0.97 1.66 21.82
CA VAL A 29 -1.02 2.59 20.69
C VAL A 29 -0.28 3.88 21.02
N SER A 30 -0.46 4.39 22.24
CA SER A 30 0.16 5.65 22.64
C SER A 30 1.67 5.57 22.77
N VAL A 31 2.25 4.37 22.67
CA VAL A 31 3.69 4.17 22.81
C VAL A 31 4.33 3.71 21.52
N ASN A 32 3.59 3.61 20.43
CA ASN A 32 4.13 3.08 19.18
C ASN A 32 3.80 4.00 18.02
N TYR A 33 4.51 3.78 16.91
CA TYR A 33 4.15 4.40 15.64
C TYR A 33 2.99 3.63 15.03
N MET A 34 1.85 4.29 14.87
CA MET A 34 0.65 3.66 14.34
C MET A 34 0.27 4.33 13.03
N SER A 35 0.12 3.52 11.98
CA SER A 35 -0.15 4.03 10.66
C SER A 35 -1.49 3.49 10.15
N TRP A 36 -1.93 4.05 9.02
CA TRP A 36 -3.12 3.60 8.32
C TRP A 36 -2.76 3.36 6.86
N VAL A 37 -2.97 2.14 6.40
CA VAL A 37 -2.67 1.73 5.04
C VAL A 37 -3.96 1.31 4.36
N ARG A 38 -4.23 1.87 3.19
CA ARG A 38 -5.38 1.48 2.39
C ARG A 38 -4.91 0.80 1.11
N GLN A 39 -5.75 -0.08 0.57
CA GLN A 39 -5.42 -0.84 -0.63
C GLN A 39 -6.63 -0.80 -1.55
N ALA A 40 -6.53 -0.06 -2.65
CA ALA A 40 -7.60 -0.01 -3.62
C ALA A 40 -7.86 -1.41 -4.18
N PRO A 41 -9.11 -1.74 -4.47
CA PRO A 41 -9.43 -3.10 -4.97
C PRO A 41 -8.69 -3.42 -6.25
N GLY A 42 -7.78 -4.39 -6.16
CA GLY A 42 -6.99 -4.79 -7.31
C GLY A 42 -5.73 -4.00 -7.54
N LYS A 43 -5.36 -3.12 -6.61
CA LYS A 43 -4.14 -2.31 -6.72
C LYS A 43 -3.21 -2.61 -5.55
N GLY A 44 -2.11 -1.88 -5.49
CA GLY A 44 -1.13 -2.04 -4.43
C GLY A 44 -1.59 -1.38 -3.14
N LEU A 45 -0.66 -1.30 -2.20
CA LEU A 45 -0.90 -0.72 -0.88
C LEU A 45 -0.43 0.73 -0.87
N GLU A 46 -1.17 1.58 -0.15
CA GLU A 46 -0.87 3.00 -0.07
C GLU A 46 -0.95 3.46 1.38
N TRP A 47 0.11 4.11 1.85
CA TRP A 47 0.15 4.68 3.19
C TRP A 47 -0.70 5.95 3.25
N VAL A 48 -1.55 6.04 4.26
CA VAL A 48 -2.47 7.17 4.37
C VAL A 48 -1.98 8.16 5.42
N SER A 49 -1.85 7.70 6.66
CA SER A 49 -1.52 8.58 7.77
C SER A 49 -0.68 7.82 8.78
N LEU A 50 -0.19 8.55 9.78
CA LEU A 50 0.66 8.00 10.84
C LEU A 50 0.65 8.98 12.02
N ILE A 51 0.62 8.43 13.22
CA ILE A 51 0.71 9.22 14.45
C ILE A 51 1.90 8.73 15.26
N PHE A 52 2.63 9.66 15.85
CA PHE A 52 3.77 9.33 16.70
C PHE A 52 3.31 9.05 18.12
N ALA A 53 4.19 8.40 18.89
CA ALA A 53 3.90 8.19 20.30
C ALA A 53 3.87 9.52 21.04
N GLY A 54 4.59 10.52 20.54
CA GLY A 54 4.59 11.85 21.13
C GLY A 54 3.45 12.74 20.71
N GLY A 55 2.60 12.29 19.80
CA GLY A 55 1.45 13.06 19.37
C GLY A 55 1.55 13.68 17.99
N SER A 56 2.68 13.53 17.30
CA SER A 56 2.83 14.12 15.98
C SER A 56 2.05 13.32 14.95
N THR A 57 1.43 14.02 14.01
CA THR A 57 0.59 13.40 12.99
C THR A 57 1.07 13.81 11.60
N PHE A 58 1.14 12.84 10.69
CA PHE A 58 1.54 13.07 9.32
C PHE A 58 0.57 12.36 8.39
N TYR A 59 0.32 12.97 7.24
CA TYR A 59 -0.66 12.47 6.27
C TYR A 59 -0.06 12.48 4.88
N ALA A 60 -0.59 11.62 4.02
CA ALA A 60 -0.20 11.60 2.62
C ALA A 60 -0.83 12.77 1.88
N ASP A 61 -0.21 13.14 0.75
CA ASP A 61 -0.69 14.28 -0.02
C ASP A 61 -2.08 14.06 -0.61
N SER A 62 -2.52 12.81 -0.72
CA SER A 62 -3.82 12.50 -1.29
C SER A 62 -4.96 12.55 -0.27
N VAL A 63 -4.65 12.70 1.02
CA VAL A 63 -5.67 12.72 2.06
C VAL A 63 -5.47 13.91 2.99
N LYS A 64 -4.52 14.78 2.66
CA LYS A 64 -4.28 15.96 3.50
C LYS A 64 -5.50 16.87 3.51
N GLY A 65 -5.81 17.42 4.68
CA GLY A 65 -6.96 18.27 4.84
C GLY A 65 -8.29 17.56 4.90
N ARG A 66 -8.33 16.27 4.54
CA ARG A 66 -9.57 15.51 4.57
C ARG A 66 -9.59 14.42 5.63
N PHE A 67 -8.44 13.86 5.97
CA PHE A 67 -8.37 12.78 6.96
C PHE A 67 -7.73 13.30 8.24
N THR A 68 -8.06 12.65 9.35
CA THR A 68 -7.54 13.01 10.66
C THR A 68 -7.34 11.76 11.48
N ILE A 69 -6.09 11.49 11.86
CA ILE A 69 -5.74 10.32 12.66
C ILE A 69 -5.75 10.72 14.14
N SER A 70 -6.23 9.82 14.99
CA SER A 70 -6.32 10.09 16.42
C SER A 70 -6.29 8.76 17.16
N ARG A 71 -6.25 8.85 18.50
CA ARG A 71 -6.18 7.67 19.34
C ARG A 71 -6.83 7.97 20.69
N ASP A 72 -7.14 6.91 21.42
CA ASP A 72 -7.70 7.00 22.77
C ASP A 72 -6.95 6.03 23.66
N ASN A 73 -6.12 6.58 24.57
CA ASN A 73 -5.27 5.73 25.40
C ASN A 73 -6.10 4.90 26.37
N SER A 74 -7.25 5.41 26.83
CA SER A 74 -8.09 4.67 27.75
C SER A 74 -8.62 3.40 27.10
N LYS A 75 -9.16 3.51 25.89
CA LYS A 75 -9.64 2.35 25.16
C LYS A 75 -8.53 1.63 24.39
N ASN A 76 -7.35 2.25 24.27
CA ASN A 76 -6.22 1.69 23.51
C ASN A 76 -6.65 1.36 22.09
N THR A 77 -7.19 2.36 21.41
CA THR A 77 -7.74 2.20 20.07
C THR A 77 -7.26 3.33 19.17
N LEU A 78 -6.73 2.97 18.01
CA LEU A 78 -6.37 3.95 16.99
C LEU A 78 -7.60 4.28 16.14
N PHE A 79 -7.69 5.53 15.71
CA PHE A 79 -8.84 6.00 14.94
C PHE A 79 -8.39 6.72 13.69
N LEU A 80 -9.31 6.86 12.74
CA LEU A 80 -9.06 7.60 11.51
C LEU A 80 -10.37 8.23 11.05
N HIS A 81 -10.44 9.56 11.11
CA HIS A 81 -11.63 10.29 10.71
C HIS A 81 -11.49 10.70 9.24
N MET A 82 -12.41 10.24 8.40
CA MET A 82 -12.35 10.46 6.96
C MET A 82 -13.46 11.43 6.55
N ASN A 83 -13.07 12.59 6.03
CA ASN A 83 -14.00 13.60 5.57
C ASN A 83 -13.86 13.82 4.06
N SER A 84 -14.95 14.31 3.47
CA SER A 84 -14.98 14.67 2.04
C SER A 84 -14.55 13.50 1.17
N LEU A 85 -15.17 12.34 1.40
CA LEU A 85 -14.79 11.13 0.69
C LEU A 85 -15.26 11.19 -0.77
N ARG A 86 -14.48 10.53 -1.64
CA ARG A 86 -14.77 10.47 -3.06
C ARG A 86 -14.58 9.03 -3.53
N LEU A 87 -14.71 8.83 -4.84
CA LEU A 87 -14.52 7.50 -5.41
C LEU A 87 -13.09 7.01 -5.23
N GLU A 88 -12.14 7.92 -5.02
CA GLU A 88 -10.76 7.50 -4.77
C GLU A 88 -10.65 6.67 -3.50
N ASP A 89 -11.25 7.17 -2.42
CA ASP A 89 -11.06 6.61 -1.08
C ASP A 89 -11.69 5.24 -0.89
N THR A 90 -12.32 4.67 -1.91
CA THR A 90 -12.88 3.32 -1.81
C THR A 90 -11.75 2.31 -1.80
N ALA A 91 -11.49 1.68 -0.65
CA ALA A 91 -10.41 0.72 -0.51
C ALA A 91 -10.59 -0.04 0.79
N VAL A 92 -9.77 -1.06 0.97
CA VAL A 92 -9.69 -1.80 2.23
C VAL A 92 -8.61 -1.13 3.08
N TYR A 93 -9.02 -0.65 4.25
CA TYR A 93 -8.12 0.12 5.12
C TYR A 93 -7.54 -0.78 6.20
N TYR A 94 -6.22 -0.75 6.34
CA TYR A 94 -5.51 -1.48 7.37
C TYR A 94 -4.89 -0.52 8.37
N CYS A 95 -4.74 -0.99 9.61
CA CYS A 95 -3.97 -0.30 10.63
C CYS A 95 -2.85 -1.22 11.08
N ALA A 96 -1.69 -0.65 11.35
CA ALA A 96 -0.52 -1.46 11.65
C ALA A 96 0.43 -0.69 12.54
N ARG A 97 1.20 -1.43 13.34
CA ARG A 97 2.27 -0.87 14.15
C ARG A 97 3.56 -0.95 13.35
N ASP A 98 4.31 0.14 13.32
CA ASP A 98 5.53 0.23 12.54
C ASP A 98 6.75 0.32 13.45
N LEU A 99 7.84 -0.31 13.00
CA LEU A 99 9.07 -0.37 13.78
C LEU A 99 10.29 0.09 13.01
N GLY A 100 10.14 0.49 11.76
CA GLY A 100 11.26 0.93 10.95
C GLY A 100 12.32 -0.14 10.82
N PRO A 101 13.57 0.18 11.18
CA PRO A 101 14.64 -0.81 11.14
C PRO A 101 14.64 -1.78 12.31
N VAL A 102 13.65 -1.71 13.20
CA VAL A 102 13.60 -2.60 14.35
C VAL A 102 12.39 -3.52 14.23
N GLY A 103 12.13 -4.02 13.02
CA GLY A 103 11.06 -4.98 12.82
C GLY A 103 10.05 -4.61 11.76
N ALA A 104 10.35 -3.56 10.98
CA ALA A 104 9.49 -3.11 9.89
C ALA A 104 8.05 -2.88 10.36
N THR A 105 7.09 -3.31 9.55
CA THR A 105 5.67 -3.25 9.87
C THR A 105 5.21 -4.68 10.15
N ASP A 106 5.36 -5.11 11.40
CA ASP A 106 5.18 -6.52 11.74
C ASP A 106 3.70 -6.89 11.83
N TYR A 107 2.92 -6.17 12.64
CA TYR A 107 1.55 -6.54 12.93
C TYR A 107 0.58 -5.61 12.22
N TRP A 108 -0.40 -6.21 11.55
CA TRP A 108 -1.40 -5.50 10.77
C TRP A 108 -2.80 -5.77 11.34
N GLY A 109 -3.73 -4.89 11.00
CA GLY A 109 -5.13 -5.16 11.25
C GLY A 109 -5.73 -6.04 10.17
N GLN A 110 -6.86 -6.68 10.50
CA GLN A 110 -7.47 -7.61 9.56
C GLN A 110 -8.09 -6.90 8.36
N GLY A 111 -8.29 -5.59 8.44
CA GLY A 111 -8.81 -4.83 7.31
C GLY A 111 -10.31 -4.60 7.37
N THR A 112 -10.72 -3.35 7.16
CA THR A 112 -12.13 -2.99 7.07
C THR A 112 -12.36 -2.24 5.78
N LEU A 113 -13.40 -2.62 5.04
CA LEU A 113 -13.65 -2.07 3.71
C LEU A 113 -14.47 -0.79 3.80
N VAL A 114 -14.08 0.19 2.99
CA VAL A 114 -14.79 1.47 2.88
C VAL A 114 -15.22 1.62 1.42
N THR A 115 -16.53 1.64 1.19
CA THR A 115 -17.10 1.77 -0.14
C THR A 115 -17.78 3.13 -0.26
N VAL A 116 -17.43 3.86 -1.31
CA VAL A 116 -17.93 5.21 -1.55
C VAL A 116 -18.72 5.20 -2.85
N SER A 117 -20.05 5.32 -2.75
CA SER A 117 -20.92 5.33 -3.91
C SER A 117 -22.23 6.01 -3.55
N SER A 118 -23.07 6.23 -4.57
CA SER A 118 -24.34 6.92 -4.41
C SER A 118 -25.42 6.12 -5.14
N ALA A 119 -25.88 5.04 -4.52
CA ALA A 119 -26.92 4.20 -5.10
C ALA A 119 -27.53 3.32 -4.00
N SER A 120 -28.84 3.18 -4.04
CA SER A 120 -29.54 2.33 -3.08
C SER A 120 -29.37 0.87 -3.45
N THR A 121 -29.95 -0.01 -2.64
CA THR A 121 -29.84 -1.46 -2.86
C THR A 121 -30.84 -1.86 -3.93
N LYS A 122 -30.36 -1.91 -5.18
CA LYS A 122 -31.19 -2.36 -6.29
C LYS A 122 -31.06 -3.87 -6.47
N GLY A 123 -32.19 -4.53 -6.70
CA GLY A 123 -32.21 -5.94 -6.94
C GLY A 123 -31.57 -6.30 -8.27
N PRO A 124 -31.02 -7.50 -8.37
CA PRO A 124 -30.36 -7.92 -9.61
C PRO A 124 -31.33 -8.16 -10.76
N SER A 125 -30.79 -8.54 -11.92
CA SER A 125 -31.59 -8.90 -13.08
C SER A 125 -30.95 -10.14 -13.70
N VAL A 126 -31.61 -11.28 -13.56
CA VAL A 126 -31.06 -12.57 -13.97
C VAL A 126 -31.56 -12.87 -15.39
N PHE A 127 -30.62 -12.89 -16.34
CA PHE A 127 -30.92 -13.24 -17.72
C PHE A 127 -30.19 -14.53 -18.10
N PRO A 128 -30.84 -15.41 -18.86
CA PRO A 128 -30.20 -16.69 -19.21
C PRO A 128 -29.21 -16.52 -20.35
N LEU A 129 -28.34 -17.53 -20.49
CA LEU A 129 -27.35 -17.59 -21.55
C LEU A 129 -27.48 -18.96 -22.22
N ALA A 130 -28.26 -19.03 -23.30
CA ALA A 130 -28.56 -20.30 -23.95
C ALA A 130 -27.37 -20.77 -24.79
N PRO A 131 -27.09 -22.06 -24.82
CA PRO A 131 -25.99 -22.57 -25.64
C PRO A 131 -26.34 -22.59 -27.12
N SER A 132 -25.31 -22.44 -27.95
CA SER A 132 -25.46 -22.47 -29.39
C SER A 132 -24.99 -23.82 -29.95
N SER A 133 -24.52 -23.83 -31.20
CA SER A 133 -24.05 -25.06 -31.82
C SER A 133 -22.53 -25.17 -31.69
N GLY A 139 -16.91 -29.89 -28.77
CA GLY A 139 -17.20 -31.13 -28.09
C GLY A 139 -18.37 -31.04 -27.13
N THR A 140 -18.17 -30.33 -26.03
CA THR A 140 -19.20 -30.14 -25.02
C THR A 140 -19.79 -28.74 -25.11
N ALA A 141 -20.95 -28.58 -24.46
CA ALA A 141 -21.69 -27.32 -24.47
C ALA A 141 -21.45 -26.55 -23.17
N ALA A 142 -21.98 -25.32 -23.14
CA ALA A 142 -21.83 -24.46 -21.98
C ALA A 142 -23.00 -23.51 -21.90
N LEU A 143 -23.46 -23.26 -20.68
CA LEU A 143 -24.57 -22.35 -20.44
C LEU A 143 -24.40 -21.71 -19.07
N GLY A 144 -25.11 -20.62 -18.84
CA GLY A 144 -24.99 -19.93 -17.57
C GLY A 144 -26.05 -18.85 -17.42
N CYS A 145 -25.93 -18.12 -16.32
CA CYS A 145 -26.83 -17.02 -16.00
C CYS A 145 -26.06 -15.72 -15.94
N LEU A 146 -26.78 -14.61 -16.05
CA LEU A 146 -26.20 -13.27 -16.03
C LEU A 146 -26.91 -12.45 -14.96
N VAL A 147 -26.19 -12.12 -13.89
CA VAL A 147 -26.71 -11.33 -12.78
C VAL A 147 -26.23 -9.89 -13.02
N LYS A 148 -27.14 -9.03 -13.47
CA LYS A 148 -26.78 -7.70 -13.92
C LYS A 148 -27.56 -6.64 -13.13
N ASP A 149 -26.90 -5.50 -12.93
CA ASP A 149 -27.50 -4.30 -12.34
C ASP A 149 -28.05 -4.56 -10.94
N TYR A 150 -27.11 -4.71 -10.00
CA TYR A 150 -27.45 -4.88 -8.59
C TYR A 150 -26.46 -4.09 -7.73
N PHE A 151 -26.83 -3.88 -6.47
CA PHE A 151 -25.98 -3.20 -5.51
C PHE A 151 -26.51 -3.48 -4.11
N PRO A 152 -25.64 -3.69 -3.12
CA PRO A 152 -24.19 -3.82 -3.21
C PRO A 152 -23.75 -5.28 -3.24
N GLU A 153 -22.45 -5.53 -3.11
CA GLU A 153 -21.96 -6.88 -3.01
C GLU A 153 -22.46 -7.54 -1.71
N PRO A 154 -22.58 -8.87 -1.69
CA PRO A 154 -22.36 -9.82 -2.78
C PRO A 154 -23.65 -10.46 -3.28
N VAL A 155 -23.53 -11.40 -4.21
CA VAL A 155 -24.64 -12.23 -4.66
C VAL A 155 -24.15 -13.66 -4.76
N THR A 156 -24.92 -14.59 -4.17
CA THR A 156 -24.55 -16.00 -4.15
C THR A 156 -25.32 -16.72 -5.25
N VAL A 157 -24.59 -17.32 -6.19
CA VAL A 157 -25.18 -18.02 -7.33
C VAL A 157 -24.77 -19.48 -7.25
N SER A 158 -25.76 -20.37 -7.25
CA SER A 158 -25.54 -21.80 -7.26
C SER A 158 -26.40 -22.44 -8.34
N TRP A 159 -26.09 -23.69 -8.66
CA TRP A 159 -26.79 -24.43 -9.70
C TRP A 159 -27.42 -25.69 -9.10
N ASN A 160 -28.72 -25.86 -9.33
CA ASN A 160 -29.48 -26.99 -8.80
C ASN A 160 -29.41 -27.04 -7.28
N SER A 161 -29.46 -25.87 -6.65
CA SER A 161 -29.44 -25.74 -5.19
C SER A 161 -28.18 -26.37 -4.60
N GLY A 162 -27.07 -26.27 -5.33
CA GLY A 162 -25.80 -26.82 -4.90
C GLY A 162 -25.53 -28.25 -5.32
N ALA A 163 -26.44 -28.87 -6.08
CA ALA A 163 -26.22 -30.24 -6.51
C ALA A 163 -25.24 -30.35 -7.67
N LEU A 164 -24.96 -29.25 -8.36
CA LEU A 164 -24.03 -29.23 -9.49
C LEU A 164 -22.82 -28.40 -9.09
N THR A 165 -21.74 -29.09 -8.70
CA THR A 165 -20.50 -28.44 -8.28
C THR A 165 -19.43 -28.47 -9.36
N SER A 166 -19.21 -29.63 -9.97
CA SER A 166 -18.15 -29.77 -10.96
C SER A 166 -18.48 -29.01 -12.24
N GLY A 167 -17.54 -28.22 -12.72
CA GLY A 167 -17.67 -27.52 -13.97
C GLY A 167 -18.25 -26.12 -13.88
N VAL A 168 -18.48 -25.61 -12.68
CA VAL A 168 -19.09 -24.29 -12.49
C VAL A 168 -18.01 -23.26 -12.25
N HIS A 169 -18.16 -22.10 -12.88
CA HIS A 169 -17.27 -20.96 -12.67
C HIS A 169 -18.13 -19.72 -12.45
N THR A 170 -18.06 -19.15 -11.26
CA THR A 170 -18.77 -17.93 -10.93
C THR A 170 -17.77 -16.77 -10.94
N PHE A 171 -17.90 -15.89 -11.92
CA PHE A 171 -16.93 -14.81 -12.12
C PHE A 171 -17.16 -13.69 -11.11
N PRO A 172 -16.10 -12.96 -10.74
CA PRO A 172 -16.26 -11.81 -9.86
C PRO A 172 -17.08 -10.72 -10.55
N ALA A 173 -17.73 -9.90 -9.72
CA ALA A 173 -18.54 -8.81 -10.26
C ALA A 173 -17.65 -7.72 -10.85
N VAL A 174 -18.25 -6.93 -11.73
CA VAL A 174 -17.56 -5.80 -12.36
C VAL A 174 -18.38 -4.54 -12.11
N LEU A 175 -17.71 -3.46 -11.73
CA LEU A 175 -18.36 -2.19 -11.44
C LEU A 175 -18.51 -1.42 -12.74
N GLN A 176 -19.67 -1.55 -13.37
CA GLN A 176 -19.95 -0.82 -14.60
C GLN A 176 -20.15 0.67 -14.29
N SER A 177 -20.11 1.48 -15.35
CA SER A 177 -20.17 2.93 -15.18
C SER A 177 -21.49 3.41 -14.59
N SER A 178 -22.53 2.57 -14.63
CA SER A 178 -23.82 2.94 -14.06
C SER A 178 -23.86 2.81 -12.53
N GLY A 179 -22.71 2.58 -11.89
CA GLY A 179 -22.66 2.46 -10.45
C GLY A 179 -23.02 1.09 -9.94
N LEU A 180 -23.81 0.35 -10.71
CA LEU A 180 -24.24 -0.98 -10.31
C LEU A 180 -23.17 -2.02 -10.64
N TYR A 181 -23.41 -3.25 -10.20
CA TYR A 181 -22.51 -4.36 -10.44
C TYR A 181 -23.06 -5.25 -11.56
N SER A 182 -22.25 -6.23 -11.95
CA SER A 182 -22.64 -7.18 -12.99
C SER A 182 -21.81 -8.44 -12.79
N LEU A 183 -22.48 -9.58 -12.62
CA LEU A 183 -21.81 -10.84 -12.34
C LEU A 183 -22.23 -11.89 -13.36
N SER A 184 -21.30 -12.77 -13.68
CA SER A 184 -21.53 -13.86 -14.62
C SER A 184 -21.23 -15.19 -13.94
N SER A 185 -22.08 -16.18 -14.18
CA SER A 185 -21.89 -17.52 -13.64
C SER A 185 -22.27 -18.52 -14.72
N VAL A 186 -21.31 -19.38 -15.10
CA VAL A 186 -21.50 -20.34 -16.19
C VAL A 186 -21.17 -21.73 -15.66
N VAL A 187 -21.45 -22.72 -16.50
CA VAL A 187 -21.17 -24.13 -16.18
C VAL A 187 -21.17 -24.94 -17.46
N THR A 188 -20.12 -25.73 -17.67
CA THR A 188 -20.02 -26.59 -18.84
C THR A 188 -20.57 -27.97 -18.50
N VAL A 189 -21.49 -28.45 -19.34
CA VAL A 189 -22.12 -29.76 -19.14
C VAL A 189 -21.99 -30.56 -20.43
N PRO A 190 -22.04 -31.89 -20.37
CA PRO A 190 -22.02 -32.68 -21.60
C PRO A 190 -23.22 -32.34 -22.48
N SER A 191 -22.98 -32.28 -23.79
CA SER A 191 -24.03 -31.90 -24.72
C SER A 191 -25.16 -32.91 -24.78
N SER A 192 -24.92 -34.14 -24.32
CA SER A 192 -25.97 -35.16 -24.33
C SER A 192 -27.10 -34.79 -23.37
N SER A 193 -26.76 -34.64 -22.08
CA SER A 193 -27.75 -34.33 -21.05
C SER A 193 -28.09 -32.84 -21.08
N LEU A 194 -28.83 -32.45 -22.11
CA LEU A 194 -29.30 -31.09 -22.27
C LEU A 194 -30.81 -30.97 -22.10
N GLY A 195 -31.58 -31.87 -22.73
CA GLY A 195 -33.02 -31.85 -22.59
C GLY A 195 -33.51 -32.67 -21.43
N THR A 196 -32.71 -33.64 -20.99
CA THR A 196 -33.10 -34.51 -19.88
C THR A 196 -32.81 -33.85 -18.54
N GLN A 197 -31.61 -33.34 -18.35
CA GLN A 197 -31.22 -32.70 -17.11
C GLN A 197 -31.53 -31.22 -17.16
N THR A 198 -32.37 -30.75 -16.25
CA THR A 198 -32.76 -29.35 -16.18
C THR A 198 -31.74 -28.57 -15.37
N TYR A 199 -31.48 -27.33 -15.79
CA TYR A 199 -30.51 -26.46 -15.14
C TYR A 199 -31.21 -25.19 -14.66
N ILE A 200 -31.05 -24.90 -13.36
CA ILE A 200 -31.66 -23.72 -12.76
C ILE A 200 -30.61 -23.07 -11.85
N CYS A 201 -30.25 -21.83 -12.16
CA CYS A 201 -29.32 -21.08 -11.34
C CYS A 201 -30.07 -20.38 -10.21
N ASN A 202 -29.48 -20.40 -9.02
CA ASN A 202 -30.10 -19.89 -7.81
C ASN A 202 -29.35 -18.63 -7.39
N VAL A 203 -29.94 -17.46 -7.65
CA VAL A 203 -29.33 -16.17 -7.34
C VAL A 203 -29.99 -15.61 -6.08
N ASN A 204 -29.15 -15.24 -5.11
CA ASN A 204 -29.62 -14.67 -3.86
C ASN A 204 -28.92 -13.34 -3.61
N HIS A 205 -29.70 -12.34 -3.22
CA HIS A 205 -29.20 -10.99 -2.92
C HIS A 205 -29.70 -10.60 -1.54
N LYS A 206 -28.90 -10.91 -0.51
CA LYS A 206 -29.30 -10.59 0.86
C LYS A 206 -29.52 -9.10 1.11
N PRO A 207 -28.70 -8.17 0.59
CA PRO A 207 -28.99 -6.75 0.85
C PRO A 207 -30.37 -6.30 0.41
N SER A 208 -30.76 -6.60 -0.83
CA SER A 208 -32.08 -6.24 -1.33
C SER A 208 -33.14 -7.29 -1.03
N ASN A 209 -32.77 -8.39 -0.37
CA ASN A 209 -33.67 -9.50 -0.09
C ASN A 209 -34.32 -9.99 -1.39
N THR A 210 -33.47 -10.50 -2.28
CA THR A 210 -33.90 -10.92 -3.62
C THR A 210 -33.42 -12.35 -3.86
N LYS A 211 -34.36 -13.27 -4.02
CA LYS A 211 -34.07 -14.67 -4.35
C LYS A 211 -34.84 -15.04 -5.61
N VAL A 212 -34.11 -15.33 -6.68
CA VAL A 212 -34.70 -15.62 -7.99
C VAL A 212 -34.07 -16.89 -8.54
N ASP A 213 -34.91 -17.80 -9.03
CA ASP A 213 -34.47 -19.00 -9.73
C ASP A 213 -34.88 -18.88 -11.19
N LYS A 214 -33.91 -19.02 -12.09
CA LYS A 214 -34.12 -18.85 -13.52
C LYS A 214 -33.76 -20.12 -14.27
N ARG A 215 -34.62 -20.55 -15.18
CA ARG A 215 -34.38 -21.72 -16.00
C ARG A 215 -33.58 -21.34 -17.24
N VAL A 216 -32.64 -22.20 -17.60
CA VAL A 216 -31.80 -22.00 -18.78
C VAL A 216 -32.05 -23.15 -19.75
N GLU A 217 -32.38 -22.80 -21.00
CA GLU A 217 -32.64 -23.79 -22.04
C GLU A 217 -32.37 -23.14 -23.38
N PRO A 218 -31.92 -23.91 -24.37
CA PRO A 218 -31.60 -23.33 -25.69
C PRO A 218 -32.85 -22.81 -26.39
N LYS A 219 -32.61 -21.98 -27.40
CA LYS A 219 -33.70 -21.36 -28.17
C LYS A 219 -34.46 -22.41 -28.98
N ASN B 8 35.87 40.85 24.27
CA ASN B 8 36.58 39.74 23.66
C ASN B 8 35.78 39.19 22.47
N LEU B 9 36.47 38.43 21.61
CA LEU B 9 35.85 37.86 20.42
C LEU B 9 35.18 36.54 20.74
N CYS B 10 34.14 36.21 19.98
CA CYS B 10 33.42 34.96 20.19
C CYS B 10 34.20 33.80 19.58
N PRO B 11 34.57 32.78 20.36
CA PRO B 11 35.30 31.65 19.79
C PRO B 11 34.40 30.74 18.96
N PHE B 12 33.92 31.27 17.82
CA PHE B 12 33.10 30.49 16.91
C PHE B 12 33.91 29.48 16.11
N GLY B 13 35.23 29.68 15.99
CA GLY B 13 36.05 28.73 15.25
C GLY B 13 36.10 27.36 15.91
N GLU B 14 35.95 27.32 17.24
CA GLU B 14 35.93 26.05 17.95
C GLU B 14 34.62 25.30 17.79
N VAL B 15 33.58 25.95 17.26
CA VAL B 15 32.27 25.32 17.11
C VAL B 15 32.09 24.85 15.67
N PHE B 16 32.16 25.77 14.72
CA PHE B 16 31.97 25.41 13.32
C PHE B 16 33.11 24.53 12.82
N ASN B 17 34.34 25.00 12.96
CA ASN B 17 35.53 24.27 12.50
C ASN B 17 35.93 23.13 13.44
N ALA B 18 35.00 22.61 14.25
CA ALA B 18 35.31 21.48 15.10
C ALA B 18 35.48 20.22 14.27
N THR B 19 36.45 19.38 14.66
CA THR B 19 36.77 18.20 13.87
C THR B 19 35.67 17.14 13.96
N ARG B 20 35.08 16.96 15.14
CA ARG B 20 34.04 15.97 15.34
C ARG B 20 32.81 16.62 15.98
N PHE B 21 31.65 16.30 15.45
CA PHE B 21 30.38 16.78 15.96
C PHE B 21 29.68 15.68 16.76
N ALA B 22 28.72 16.09 17.58
CA ALA B 22 27.98 15.18 18.42
C ALA B 22 26.74 14.66 17.69
N SER B 23 26.26 13.51 18.15
CA SER B 23 25.01 12.98 17.64
C SER B 23 23.85 13.88 18.03
N VAL B 24 22.78 13.85 17.24
CA VAL B 24 21.68 14.78 17.45
C VAL B 24 20.95 14.48 18.76
N TYR B 25 20.93 13.22 19.20
CA TYR B 25 20.28 12.89 20.45
C TYR B 25 21.06 13.45 21.64
N ALA B 26 22.38 13.60 21.50
CA ALA B 26 23.20 14.21 22.54
C ALA B 26 23.86 15.47 22.01
N TRP B 27 23.04 16.46 21.64
CA TRP B 27 23.56 17.67 21.00
C TRP B 27 24.41 18.47 21.98
N ASN B 28 25.59 18.90 21.51
CA ASN B 28 26.46 19.73 22.32
C ASN B 28 25.93 21.15 22.42
N ARG B 29 26.26 21.82 23.51
CA ARG B 29 25.93 23.22 23.71
C ARG B 29 27.15 23.95 24.25
N LYS B 30 27.55 25.02 23.56
CA LYS B 30 28.69 25.84 23.98
C LYS B 30 28.16 27.19 24.45
N ARG B 31 28.27 27.44 25.76
CA ARG B 31 27.83 28.69 26.36
C ARG B 31 28.96 29.70 26.27
N ILE B 32 28.74 30.78 25.52
CA ILE B 32 29.74 31.83 25.32
C ILE B 32 29.32 33.05 26.14
N SER B 33 30.30 33.70 26.75
CA SER B 33 30.07 34.71 27.78
C SER B 33 30.24 36.10 27.19
N ASN B 34 29.16 36.62 26.60
CA ASN B 34 29.04 38.02 26.19
C ASN B 34 30.26 38.54 25.45
N CYS B 35 30.36 38.23 24.17
CA CYS B 35 31.48 38.59 23.32
C CYS B 35 30.98 39.42 22.15
N VAL B 36 31.93 39.83 21.30
CA VAL B 36 31.64 40.56 20.08
C VAL B 36 32.12 39.74 18.90
N ALA B 37 31.33 39.72 17.83
CA ALA B 37 31.68 38.94 16.65
C ALA B 37 31.07 39.61 15.42
N ASP B 38 31.71 39.38 14.26
CA ASP B 38 31.23 39.93 13.00
C ASP B 38 30.29 38.91 12.37
N TYR B 39 29.03 38.96 12.80
CA TYR B 39 28.03 38.05 12.26
C TYR B 39 27.77 38.32 10.78
N SER B 40 28.00 39.55 10.33
CA SER B 40 27.84 39.88 8.91
C SER B 40 28.88 39.19 8.04
N VAL B 41 29.95 38.68 8.64
CA VAL B 41 30.95 37.93 7.87
C VAL B 41 30.49 36.48 7.67
N LEU B 42 29.85 35.90 8.68
CA LEU B 42 29.43 34.51 8.58
C LEU B 42 28.29 34.33 7.58
N TYR B 43 27.43 35.35 7.42
CA TYR B 43 26.29 35.21 6.53
C TYR B 43 26.75 35.10 5.07
N ASN B 44 27.67 35.96 4.65
CA ASN B 44 28.12 35.96 3.26
C ASN B 44 29.14 34.87 2.96
N SER B 45 29.38 33.95 3.90
CA SER B 45 30.29 32.83 3.67
C SER B 45 29.59 31.75 2.85
N ALA B 46 30.22 31.32 1.76
CA ALA B 46 29.63 30.33 0.88
C ALA B 46 29.71 28.91 1.44
N SER B 47 30.34 28.73 2.60
CA SER B 47 30.44 27.40 3.21
C SER B 47 29.11 26.91 3.75
N PHE B 48 28.19 27.81 4.08
CA PHE B 48 26.92 27.45 4.69
C PHE B 48 25.83 27.40 3.64
N SER B 49 25.20 26.24 3.49
CA SER B 49 24.09 26.07 2.55
C SER B 49 22.74 26.44 3.15
N THR B 50 22.65 26.52 4.49
CA THR B 50 21.44 26.91 5.18
C THR B 50 21.78 27.93 6.24
N PHE B 51 21.11 29.09 6.21
CA PHE B 51 21.31 30.15 7.19
C PHE B 51 19.99 30.91 7.30
N LYS B 52 19.19 30.58 8.30
CA LYS B 52 17.89 31.20 8.52
C LYS B 52 17.82 31.71 9.95
N CYS B 53 17.56 33.01 10.10
CA CYS B 53 17.41 33.63 11.41
C CYS B 53 15.96 33.94 11.68
N TYR B 54 15.57 33.85 12.95
CA TYR B 54 14.20 34.06 13.38
C TYR B 54 14.16 35.09 14.49
N GLY B 55 13.31 36.09 14.35
CA GLY B 55 13.19 37.16 15.33
C GLY B 55 14.25 38.23 15.25
N VAL B 56 15.27 38.07 14.41
CA VAL B 56 16.34 39.05 14.29
C VAL B 56 16.97 38.87 12.91
N SER B 57 17.52 39.97 12.37
CA SER B 57 18.15 39.84 11.07
C SER B 57 19.63 39.50 11.22
N PRO B 58 20.20 38.78 10.24
CA PRO B 58 21.62 38.39 10.36
C PRO B 58 22.58 39.56 10.40
N THR B 59 22.29 40.65 9.68
CA THR B 59 23.22 41.77 9.62
C THR B 59 23.21 42.59 10.90
N LYS B 60 22.06 42.72 11.57
CA LYS B 60 21.93 43.55 12.75
C LYS B 60 22.25 42.81 14.04
N LEU B 61 22.85 41.62 13.96
CA LEU B 61 23.22 40.90 15.17
C LEU B 61 24.36 41.59 15.91
N ASN B 62 25.31 42.17 15.17
CA ASN B 62 26.41 42.89 15.79
C ASN B 62 25.95 44.21 16.41
N ASP B 63 24.72 44.65 16.14
CA ASP B 63 24.17 45.85 16.73
C ASP B 63 23.37 45.58 18.00
N LEU B 64 23.30 44.33 18.44
CA LEU B 64 22.58 43.96 19.65
C LEU B 64 23.55 43.39 20.68
N CYS B 65 23.08 43.35 21.93
CA CYS B 65 23.87 42.82 23.04
C CYS B 65 23.02 41.80 23.80
N PHE B 66 23.71 41.04 24.64
CA PHE B 66 23.09 39.94 25.37
C PHE B 66 24.04 39.49 26.48
N THR B 67 23.57 38.58 27.32
CA THR B 67 24.38 38.05 28.40
C THR B 67 25.18 36.83 27.95
N ASN B 68 24.52 35.86 27.31
CA ASN B 68 25.17 34.67 26.83
C ASN B 68 24.55 34.24 25.51
N VAL B 69 25.39 33.78 24.59
CA VAL B 69 24.95 33.20 23.33
C VAL B 69 25.29 31.71 23.36
N TYR B 70 24.30 30.87 23.07
CA TYR B 70 24.46 29.42 23.13
C TYR B 70 24.68 28.87 21.73
N ALA B 71 25.72 28.05 21.59
CA ALA B 71 26.10 27.45 20.31
C ALA B 71 25.84 25.95 20.39
N ASP B 72 24.71 25.51 19.84
CA ASP B 72 24.38 24.10 19.76
C ASP B 72 24.89 23.52 18.45
N SER B 73 25.32 22.26 18.50
CA SER B 73 25.92 21.62 17.34
C SER B 73 25.59 20.14 17.35
N PHE B 74 25.29 19.59 16.17
CA PHE B 74 24.97 18.18 15.99
C PHE B 74 25.02 17.87 14.50
N VAL B 75 24.71 16.62 14.16
CA VAL B 75 24.72 16.15 12.78
C VAL B 75 23.44 15.39 12.51
N ILE B 76 22.76 15.74 11.42
CA ILE B 76 21.57 15.05 10.95
C ILE B 76 21.72 14.83 9.45
N ARG B 77 20.77 14.10 8.88
CA ARG B 77 20.75 13.94 7.44
C ARG B 77 20.15 15.17 6.78
N GLY B 78 20.24 15.22 5.45
CA GLY B 78 19.80 16.40 4.73
C GLY B 78 18.30 16.64 4.83
N ASP B 79 17.51 15.57 4.75
CA ASP B 79 16.06 15.71 4.79
C ASP B 79 15.55 16.21 6.13
N GLU B 80 16.34 16.06 7.19
CA GLU B 80 15.93 16.47 8.53
C GLU B 80 16.39 17.88 8.88
N VAL B 81 17.05 18.58 7.95
CA VAL B 81 17.48 19.95 8.22
C VAL B 81 16.27 20.88 8.34
N ARG B 82 15.21 20.62 7.57
CA ARG B 82 14.02 21.46 7.62
C ARG B 82 13.30 21.40 8.95
N GLN B 83 13.60 20.41 9.79
CA GLN B 83 12.96 20.31 11.10
C GLN B 83 13.57 21.26 12.12
N ILE B 84 14.83 21.65 11.94
CA ILE B 84 15.47 22.59 12.86
C ILE B 84 14.91 23.98 12.60
N ALA B 85 13.66 24.20 13.02
CA ALA B 85 12.95 25.45 12.79
C ALA B 85 11.77 25.50 13.74
N PRO B 86 11.31 26.69 14.12
CA PRO B 86 10.19 26.78 15.07
C PRO B 86 8.92 26.17 14.50
N GLY B 87 8.18 25.47 15.37
CA GLY B 87 6.92 24.88 14.97
C GLY B 87 7.03 23.73 13.99
N GLN B 88 8.10 22.95 14.07
CA GLN B 88 8.30 21.81 13.19
C GLN B 88 8.15 20.51 13.96
N THR B 89 7.71 19.46 13.27
CA THR B 89 7.54 18.14 13.84
C THR B 89 8.36 17.13 13.04
N GLY B 90 8.60 15.99 13.65
CA GLY B 90 9.35 14.93 13.01
C GLY B 90 10.17 14.16 14.02
N LYS B 91 10.93 13.20 13.51
CA LYS B 91 11.77 12.36 14.36
C LYS B 91 12.82 13.20 15.08
N ILE B 92 13.32 14.25 14.44
CA ILE B 92 14.35 15.07 15.08
C ILE B 92 13.72 16.13 15.97
N ALA B 93 12.64 16.76 15.50
CA ALA B 93 12.04 17.87 16.25
C ALA B 93 11.33 17.39 17.50
N ASP B 94 10.88 16.14 17.52
CA ASP B 94 10.13 15.60 18.65
C ASP B 94 10.99 14.82 19.63
N TYR B 95 11.99 14.09 19.14
CA TYR B 95 12.74 13.16 19.98
C TYR B 95 14.23 13.47 20.07
N ASN B 96 14.70 14.55 19.46
CA ASN B 96 16.14 14.83 19.45
C ASN B 96 16.44 16.29 19.79
N TYR B 97 16.05 17.21 18.92
CA TYR B 97 16.29 18.63 19.14
C TYR B 97 15.05 19.42 18.77
N LYS B 98 14.55 20.22 19.72
CA LYS B 98 13.32 20.98 19.53
C LYS B 98 13.58 22.44 19.80
N LEU B 99 13.26 23.29 18.81
CA LEU B 99 13.33 24.74 18.96
C LEU B 99 11.97 25.28 19.42
N PRO B 100 11.97 26.33 20.24
CA PRO B 100 10.70 26.91 20.69
C PRO B 100 9.96 27.59 19.55
N ASP B 101 8.65 27.75 19.74
CA ASP B 101 7.84 28.44 18.75
C ASP B 101 8.24 29.91 18.64
N ASP B 102 8.61 30.53 19.75
CA ASP B 102 9.08 31.91 19.77
C ASP B 102 10.61 31.99 19.72
N PHE B 103 11.24 31.21 18.86
CA PHE B 103 12.69 31.14 18.83
C PHE B 103 13.29 32.45 18.33
N THR B 104 14.33 32.91 19.03
CA THR B 104 15.08 34.11 18.68
C THR B 104 16.52 33.70 18.43
N GLY B 105 16.89 33.57 17.16
CA GLY B 105 18.24 33.17 16.83
C GLY B 105 18.37 32.84 15.36
N CYS B 106 19.32 31.96 15.04
CA CYS B 106 19.62 31.59 13.67
C CYS B 106 19.85 30.09 13.58
N VAL B 107 19.66 29.56 12.38
CA VAL B 107 19.85 28.14 12.08
C VAL B 107 20.85 28.03 10.93
N ILE B 108 22.02 27.47 11.22
CA ILE B 108 23.09 27.34 10.24
C ILE B 108 23.35 25.86 9.98
N ALA B 109 23.53 25.51 8.71
CA ALA B 109 23.76 24.12 8.32
C ALA B 109 24.56 24.09 7.02
N TRP B 110 25.37 23.03 6.88
CA TRP B 110 26.16 22.84 5.67
C TRP B 110 26.36 21.34 5.45
N ASN B 111 26.54 20.97 4.19
CA ASN B 111 26.77 19.58 3.84
C ASN B 111 28.14 19.12 4.36
N SER B 112 28.18 17.92 4.93
CA SER B 112 29.41 17.35 5.48
C SER B 112 29.60 15.93 4.98
N ASN B 113 29.30 15.69 3.71
CA ASN B 113 29.50 14.36 3.14
C ASN B 113 30.98 14.03 3.03
N ASN B 114 31.80 15.05 2.74
CA ASN B 114 33.25 14.84 2.65
C ASN B 114 33.90 14.63 4.00
N LEU B 115 33.19 14.90 5.10
CA LEU B 115 33.74 14.79 6.45
C LEU B 115 33.15 13.63 7.23
N ASP B 116 31.84 13.47 7.24
CA ASP B 116 31.16 12.54 8.14
C ASP B 116 30.72 11.25 7.46
N SER B 117 30.91 11.11 6.15
CA SER B 117 30.54 9.90 5.44
CA SER B 117 30.54 9.90 5.44
C SER B 117 31.79 9.03 5.23
N LYS B 118 31.66 7.74 5.53
CA LYS B 118 32.74 6.78 5.35
C LYS B 118 32.27 5.70 4.39
N VAL B 119 33.18 5.22 3.55
CA VAL B 119 32.85 4.15 2.62
C VAL B 119 32.51 2.90 3.42
N GLY B 120 31.34 2.33 3.15
CA GLY B 120 30.81 1.26 3.96
C GLY B 120 29.92 1.71 5.10
N GLY B 121 29.78 3.02 5.31
CA GLY B 121 28.89 3.54 6.32
C GLY B 121 29.58 4.02 7.58
N ASN B 122 29.29 5.25 7.98
CA ASN B 122 29.73 5.79 9.26
C ASN B 122 28.55 5.72 10.22
N TYR B 123 28.62 4.81 11.19
CA TYR B 123 27.52 4.55 12.10
C TYR B 123 27.73 5.20 13.47
N ASN B 124 28.62 6.17 13.58
CA ASN B 124 28.87 6.81 14.87
C ASN B 124 27.76 7.78 15.24
N TYR B 125 27.26 8.54 14.28
CA TYR B 125 26.15 9.46 14.54
C TYR B 125 24.87 8.69 14.75
N ARG B 126 24.15 9.01 15.83
CA ARG B 126 22.93 8.31 16.19
C ARG B 126 21.81 9.30 16.43
N TYR B 127 20.59 8.79 16.43
CA TYR B 127 19.40 9.60 16.71
C TYR B 127 18.44 8.77 17.55
N ARG B 128 17.54 9.47 18.24
CA ARG B 128 16.50 8.81 19.04
C ARG B 128 15.31 8.50 18.15
N LEU B 129 14.93 7.23 18.09
CA LEU B 129 13.82 6.79 17.26
C LEU B 129 12.53 6.58 18.04
N PHE B 130 12.62 6.18 19.31
CA PHE B 130 11.46 5.89 20.13
C PHE B 130 11.46 6.78 21.37
N ARG B 131 10.30 7.34 21.69
CA ARG B 131 10.12 8.16 22.88
C ARG B 131 8.63 8.33 23.13
N LYS B 132 8.24 8.26 24.40
CA LYS B 132 6.81 8.30 24.74
C LYS B 132 6.19 9.66 24.50
N SER B 133 6.97 10.74 24.49
CA SER B 133 6.42 12.06 24.30
C SER B 133 7.46 12.95 23.63
N ASN B 134 6.99 14.05 23.04
CA ASN B 134 7.87 14.99 22.37
C ASN B 134 8.76 15.71 23.39
N LEU B 135 9.81 16.32 22.88
CA LEU B 135 10.77 17.03 23.71
C LEU B 135 10.32 18.46 23.95
N LYS B 136 10.55 18.95 25.17
CA LYS B 136 10.43 20.37 25.45
C LYS B 136 11.50 21.13 24.67
N PRO B 137 11.27 22.41 24.38
CA PRO B 137 12.29 23.19 23.67
C PRO B 137 13.61 23.22 24.44
N PHE B 138 14.71 23.00 23.71
CA PHE B 138 16.06 22.99 24.27
C PHE B 138 16.24 21.92 25.33
N GLU B 139 15.54 20.79 25.18
CA GLU B 139 15.70 19.65 26.06
C GLU B 139 16.63 18.63 25.43
N ARG B 140 17.42 17.96 26.27
CA ARG B 140 18.34 16.92 25.83
C ARG B 140 17.99 15.62 26.53
N ASP B 141 17.73 14.57 25.74
CA ASP B 141 17.44 13.25 26.26
C ASP B 141 18.51 12.30 25.73
N ILE B 142 19.33 11.78 26.63
CA ILE B 142 20.43 10.88 26.27
C ILE B 142 20.21 9.48 26.84
N SER B 143 19.05 9.21 27.41
CA SER B 143 18.79 7.92 28.03
C SER B 143 18.78 6.81 26.98
N THR B 144 19.46 5.71 27.29
CA THR B 144 19.51 4.53 26.43
C THR B 144 18.73 3.36 27.02
N GLU B 145 17.76 3.64 27.88
CA GLU B 145 16.94 2.58 28.47
C GLU B 145 16.09 1.93 27.39
N ILE B 146 15.89 0.61 27.53
CA ILE B 146 15.19 -0.15 26.50
C ILE B 146 13.73 0.31 26.44
N TYR B 147 13.29 0.69 25.25
CA TYR B 147 11.96 1.23 25.04
C TYR B 147 10.91 0.12 25.20
N GLN B 148 10.05 0.26 26.20
CA GLN B 148 8.99 -0.71 26.48
C GLN B 148 7.80 -0.37 25.60
N ALA B 149 7.64 -1.11 24.49
CA ALA B 149 6.56 -0.85 23.55
C ALA B 149 5.27 -1.56 23.91
N GLY B 150 5.35 -2.68 24.62
CA GLY B 150 4.19 -3.41 25.07
C GLY B 150 3.97 -3.29 26.55
N SER B 151 3.15 -4.19 27.08
CA SER B 151 2.90 -4.24 28.51
C SER B 151 3.93 -5.06 29.27
N LYS B 152 4.67 -5.93 28.58
CA LYS B 152 5.69 -6.72 29.24
C LYS B 152 6.97 -5.91 29.39
N PRO B 153 7.48 -5.72 30.60
CA PRO B 153 8.74 -4.97 30.77
C PRO B 153 9.92 -5.72 30.16
N CYS B 154 11.02 -4.99 30.04
CA CYS B 154 12.16 -5.44 29.25
C CYS B 154 13.35 -5.92 30.07
N ASN B 155 13.55 -5.36 31.27
CA ASN B 155 14.71 -5.68 32.11
C ASN B 155 16.02 -5.35 31.39
N GLY B 156 16.00 -4.30 30.57
CA GLY B 156 17.20 -3.93 29.84
C GLY B 156 17.63 -4.93 28.79
N VAL B 157 16.73 -5.77 28.31
CA VAL B 157 17.04 -6.80 27.33
C VAL B 157 16.28 -6.48 26.05
N GLU B 158 17.01 -6.32 24.95
CA GLU B 158 16.38 -6.10 23.66
C GLU B 158 15.61 -7.34 23.22
N GLY B 159 14.57 -7.13 22.42
CA GLY B 159 13.75 -8.22 21.94
C GLY B 159 12.42 -7.70 21.43
N PHE B 160 11.40 -8.56 21.54
CA PHE B 160 10.07 -8.20 21.10
C PHE B 160 9.46 -7.17 22.06
N ASN B 161 8.87 -6.12 21.48
CA ASN B 161 8.33 -4.98 22.23
C ASN B 161 9.37 -4.35 23.15
N CYS B 162 10.65 -4.55 22.85
CA CYS B 162 11.74 -4.04 23.68
C CYS B 162 12.87 -3.62 22.75
N TYR B 163 12.92 -2.33 22.43
CA TYR B 163 13.80 -1.82 21.39
C TYR B 163 14.79 -0.82 22.00
N PHE B 164 16.01 -0.84 21.47
CA PHE B 164 16.99 0.17 21.83
C PHE B 164 16.55 1.50 21.25
N PRO B 165 16.37 2.55 22.07
CA PRO B 165 15.72 3.77 21.58
C PRO B 165 16.54 4.55 20.57
N LEU B 166 17.78 4.16 20.30
CA LEU B 166 18.64 4.88 19.36
C LEU B 166 18.88 4.06 18.11
N GLN B 167 19.07 4.76 16.99
CA GLN B 167 19.44 4.16 15.72
C GLN B 167 20.58 4.96 15.09
N SER B 168 21.47 4.26 14.41
CA SER B 168 22.66 4.87 13.84
C SER B 168 22.39 5.34 12.42
N TYR B 169 22.87 6.54 12.10
CA TYR B 169 22.79 7.03 10.73
C TYR B 169 23.69 6.22 9.81
N GLY B 170 23.19 5.92 8.62
CA GLY B 170 23.99 5.24 7.62
C GLY B 170 24.56 6.22 6.62
N PHE B 171 25.70 6.84 6.96
CA PHE B 171 26.27 7.92 6.18
C PHE B 171 27.37 7.35 5.28
N GLN B 172 27.00 7.07 4.02
CA GLN B 172 27.94 6.69 2.97
C GLN B 172 28.09 7.85 1.99
N PRO B 173 29.24 7.96 1.33
CA PRO B 173 29.41 9.06 0.36
C PRO B 173 28.46 8.98 -0.82
N THR B 174 27.98 7.78 -1.16
CA THR B 174 27.08 7.59 -2.30
C THR B 174 25.61 7.79 -1.93
N ASN B 175 25.31 8.25 -0.72
CA ASN B 175 23.93 8.47 -0.33
C ASN B 175 23.38 9.75 -0.97
N GLY B 176 22.05 9.87 -0.95
CA GLY B 176 21.41 11.06 -1.44
C GLY B 176 21.60 12.25 -0.51
N VAL B 177 21.46 13.45 -1.07
CA VAL B 177 21.73 14.67 -0.32
C VAL B 177 20.81 14.76 0.90
N GLY B 178 19.55 14.35 0.73
CA GLY B 178 18.64 14.28 1.86
C GLY B 178 19.03 13.26 2.91
N TYR B 179 19.85 12.28 2.54
CA TYR B 179 20.36 11.30 3.48
C TYR B 179 21.83 11.48 3.81
N GLN B 180 22.52 12.43 3.15
CA GLN B 180 23.90 12.73 3.45
C GLN B 180 24.01 13.55 4.74
N PRO B 181 25.12 13.44 5.46
CA PRO B 181 25.24 14.17 6.73
C PRO B 181 25.32 15.68 6.51
N TYR B 182 24.64 16.41 7.39
CA TYR B 182 24.66 17.87 7.40
C TYR B 182 24.98 18.34 8.81
N ARG B 183 26.07 19.06 8.97
CA ARG B 183 26.43 19.63 10.27
C ARG B 183 25.62 20.89 10.52
N VAL B 184 25.06 20.99 11.73
CA VAL B 184 24.13 22.05 12.09
C VAL B 184 24.68 22.80 13.30
N VAL B 185 24.53 24.12 13.29
CA VAL B 185 24.86 24.97 14.42
C VAL B 185 23.70 25.95 14.63
N VAL B 186 23.19 26.00 15.86
CA VAL B 186 22.07 26.87 16.22
C VAL B 186 22.57 27.91 17.22
N LEU B 187 22.28 29.17 16.95
CA LEU B 187 22.67 30.28 17.81
C LEU B 187 21.42 30.87 18.46
N SER B 188 21.35 30.82 19.78
CA SER B 188 20.27 31.42 20.54
C SER B 188 20.86 32.40 21.55
N PHE B 189 20.11 33.44 21.86
CA PHE B 189 20.60 34.54 22.67
C PHE B 189 19.78 34.69 23.94
N GLU B 190 20.35 35.42 24.91
CA GLU B 190 19.78 35.52 26.25
C GLU B 190 19.93 36.96 26.73
N LEU B 191 18.79 37.65 26.89
CA LEU B 191 18.80 39.01 27.40
C LEU B 191 18.32 39.05 28.85
N ASP C 1 8.27 10.64 -4.50
CA ASP C 1 8.42 9.41 -3.72
C ASP C 1 9.38 8.44 -4.39
N ILE C 2 9.92 7.52 -3.60
CA ILE C 2 10.78 6.46 -4.12
C ILE C 2 9.89 5.37 -4.71
N VAL C 3 10.09 5.06 -5.98
CA VAL C 3 9.25 4.09 -6.68
C VAL C 3 9.86 2.71 -6.54
N MET C 4 9.04 1.74 -6.16
CA MET C 4 9.45 0.35 -6.01
C MET C 4 8.84 -0.46 -7.14
N THR C 5 9.70 -1.14 -7.90
CA THR C 5 9.27 -1.93 -9.06
C THR C 5 9.63 -3.39 -8.84
N GLN C 6 8.61 -4.25 -8.76
CA GLN C 6 8.79 -5.68 -8.59
C GLN C 6 8.73 -6.39 -9.94
N THR C 7 9.57 -7.42 -10.07
CA THR C 7 9.62 -8.24 -11.26
C THR C 7 9.77 -9.70 -10.84
N PRO C 8 9.01 -10.61 -11.47
CA PRO C 8 7.98 -10.38 -12.49
C PRO C 8 6.65 -10.00 -11.87
N ALA C 9 5.64 -9.66 -12.67
CA ALA C 9 4.32 -9.39 -12.13
C ALA C 9 3.64 -10.69 -11.69
N THR C 10 3.92 -11.78 -12.40
CA THR C 10 3.38 -13.09 -12.07
C THR C 10 4.48 -14.13 -12.24
N LEU C 11 4.60 -15.02 -11.25
CA LEU C 11 5.64 -16.05 -11.24
C LEU C 11 4.97 -17.41 -11.08
N SER C 12 5.04 -18.23 -12.13
CA SER C 12 4.44 -19.57 -12.14
C SER C 12 5.52 -20.57 -11.75
N VAL C 13 5.37 -21.17 -10.57
CA VAL C 13 6.35 -22.12 -10.04
C VAL C 13 5.61 -23.35 -9.54
N SER C 14 6.28 -24.53 -9.67
CA SER C 14 5.80 -25.80 -9.17
C SER C 14 6.20 -25.98 -7.71
N PRO C 15 5.41 -26.72 -6.93
CA PRO C 15 5.79 -26.98 -5.53
C PRO C 15 7.12 -27.72 -5.45
N GLY C 16 7.96 -27.29 -4.52
CA GLY C 16 9.28 -27.84 -4.36
C GLY C 16 10.38 -27.09 -5.08
N GLU C 17 10.04 -26.36 -6.14
CA GLU C 17 11.01 -25.58 -6.87
C GLU C 17 11.33 -24.29 -6.12
N ARG C 18 12.30 -23.53 -6.64
CA ARG C 18 12.73 -22.29 -6.04
C ARG C 18 12.03 -21.11 -6.74
N ALA C 19 11.52 -20.18 -5.93
CA ALA C 19 10.90 -18.97 -6.43
C ALA C 19 11.79 -17.77 -6.09
N THR C 20 12.06 -16.92 -7.08
CA THR C 20 12.91 -15.76 -6.90
C THR C 20 12.15 -14.51 -7.34
N LEU C 21 12.04 -13.53 -6.44
CA LEU C 21 11.30 -12.30 -6.69
C LEU C 21 12.22 -11.12 -6.50
N SER C 22 12.20 -10.19 -7.45
CA SER C 22 13.05 -9.01 -7.41
C SER C 22 12.21 -7.77 -7.12
N CYS C 23 12.89 -6.74 -6.61
CA CYS C 23 12.25 -5.47 -6.29
C CYS C 23 13.29 -4.36 -6.36
N ARG C 24 13.10 -3.43 -7.30
CA ARG C 24 14.06 -2.38 -7.58
C ARG C 24 13.52 -1.04 -7.09
N ALA C 25 14.36 -0.27 -6.42
CA ALA C 25 14.01 1.05 -5.93
C ALA C 25 14.55 2.12 -6.88
N SER C 26 13.76 3.17 -7.10
CA SER C 26 14.20 4.25 -7.97
C SER C 26 15.38 5.02 -7.38
N GLN C 27 15.52 5.03 -6.05
CA GLN C 27 16.65 5.66 -5.38
C GLN C 27 17.18 4.71 -4.31
N SER C 28 18.38 5.01 -3.83
CA SER C 28 19.01 4.15 -2.83
C SER C 28 18.22 4.16 -1.53
N VAL C 29 17.88 2.98 -1.05
CA VAL C 29 17.22 2.82 0.24
C VAL C 29 18.08 1.99 1.21
N SER C 30 19.38 1.91 0.93
CA SER C 30 20.32 1.17 1.76
C SER C 30 19.87 -0.27 1.98
N SER C 31 19.61 -0.64 3.23
CA SER C 31 19.04 -1.94 3.56
C SER C 31 17.66 -1.80 4.19
N ASN C 32 17.01 -0.65 4.03
CA ASN C 32 15.70 -0.39 4.61
C ASN C 32 14.62 -0.86 3.65
N LEU C 33 14.40 -2.18 3.65
CA LEU C 33 13.38 -2.78 2.81
C LEU C 33 12.78 -3.98 3.53
N ALA C 34 11.49 -4.18 3.33
CA ALA C 34 10.77 -5.29 3.93
C ALA C 34 10.00 -6.04 2.85
N TRP C 35 9.75 -7.32 3.12
CA TRP C 35 8.95 -8.17 2.24
C TRP C 35 7.72 -8.66 2.99
N TYR C 36 6.62 -8.82 2.26
CA TYR C 36 5.36 -9.26 2.84
C TYR C 36 4.70 -10.32 1.95
N GLN C 37 3.97 -11.22 2.59
CA GLN C 37 3.12 -12.20 1.90
C GLN C 37 1.68 -11.90 2.25
N GLN C 38 0.82 -11.82 1.24
CA GLN C 38 -0.60 -11.57 1.44
C GLN C 38 -1.41 -12.61 0.67
N LYS C 39 -2.15 -13.42 1.41
CA LYS C 39 -3.07 -14.38 0.82
C LYS C 39 -4.42 -13.72 0.55
N PRO C 40 -5.19 -14.23 -0.40
CA PRO C 40 -6.47 -13.58 -0.74
C PRO C 40 -7.38 -13.45 0.47
N GLY C 41 -7.90 -12.24 0.66
CA GLY C 41 -8.81 -11.97 1.76
C GLY C 41 -8.18 -11.87 3.12
N GLN C 42 -6.84 -11.83 3.20
CA GLN C 42 -6.14 -11.74 4.47
C GLN C 42 -5.22 -10.52 4.48
N ALA C 43 -4.87 -10.10 5.69
CA ALA C 43 -3.94 -9.00 5.86
C ALA C 43 -2.52 -9.44 5.50
N PRO C 44 -1.66 -8.50 5.12
CA PRO C 44 -0.26 -8.85 4.83
C PRO C 44 0.45 -9.40 6.05
N ARG C 45 1.45 -10.24 5.79
CA ARG C 45 2.27 -10.83 6.83
C ARG C 45 3.73 -10.54 6.54
N LEU C 46 4.45 -10.02 7.53
CA LEU C 46 5.86 -9.67 7.34
C LEU C 46 6.71 -10.92 7.22
N LEU C 47 7.54 -10.98 6.17
CA LEU C 47 8.47 -12.08 5.96
C LEU C 47 9.91 -11.66 6.26
N ILE C 48 10.40 -10.61 5.59
CA ILE C 48 11.77 -10.15 5.73
C ILE C 48 11.75 -8.67 6.06
N TYR C 49 12.67 -8.25 6.93
CA TYR C 49 12.92 -6.84 7.18
C TYR C 49 14.43 -6.63 7.21
N GLY C 50 14.84 -5.37 7.05
CA GLY C 50 16.26 -5.09 6.92
C GLY C 50 16.89 -5.78 5.73
N ALA C 51 16.11 -5.98 4.66
CA ALA C 51 16.53 -6.60 3.41
C ALA C 51 16.83 -8.10 3.53
N SER C 52 17.22 -8.55 4.72
CA SER C 52 17.64 -9.94 4.86
C SER C 52 17.22 -10.63 6.16
N THR C 53 16.74 -9.91 7.17
CA THR C 53 16.42 -10.52 8.45
C THR C 53 15.03 -11.14 8.41
N ARG C 54 14.95 -12.44 8.72
CA ARG C 54 13.65 -13.12 8.77
C ARG C 54 12.87 -12.66 10.00
N ALA C 55 11.57 -12.44 9.81
CA ALA C 55 10.69 -12.14 10.92
C ALA C 55 10.49 -13.37 11.79
N THR C 56 9.99 -13.15 13.00
CA THR C 56 9.80 -14.24 13.95
C THR C 56 8.69 -15.18 13.45
N GLY C 57 8.99 -16.48 13.44
CA GLY C 57 8.02 -17.47 13.01
C GLY C 57 7.95 -17.70 11.52
N ILE C 58 8.86 -17.12 10.75
CA ILE C 58 8.87 -17.31 9.29
C ILE C 58 9.76 -18.51 8.97
N PRO C 59 9.29 -19.44 8.14
CA PRO C 59 10.10 -20.64 7.85
C PRO C 59 11.44 -20.29 7.21
N ALA C 60 12.41 -21.18 7.40
CA ALA C 60 13.77 -20.96 6.91
C ALA C 60 13.87 -20.98 5.40
N ARG C 61 12.83 -21.44 4.70
CA ARG C 61 12.87 -21.45 3.24
C ARG C 61 12.81 -20.05 2.64
N PHE C 62 12.41 -19.06 3.44
CA PHE C 62 12.39 -17.67 2.99
C PHE C 62 13.71 -16.99 3.31
N SER C 63 14.20 -16.18 2.37
CA SER C 63 15.45 -15.46 2.56
C SER C 63 15.46 -14.23 1.68
N GLY C 64 15.96 -13.12 2.23
CA GLY C 64 16.06 -11.87 1.50
C GLY C 64 17.50 -11.47 1.32
N SER C 65 17.75 -10.67 0.29
CA SER C 65 19.10 -10.19 0.00
C SER C 65 19.00 -8.92 -0.82
N GLY C 66 20.14 -8.27 -1.00
CA GLY C 66 20.23 -7.05 -1.77
C GLY C 66 20.46 -5.83 -0.89
N SER C 67 20.76 -4.72 -1.55
CA SER C 67 21.02 -3.45 -0.87
C SER C 67 20.86 -2.31 -1.86
N GLU C 68 20.88 -1.09 -1.33
CA GLU C 68 20.80 0.13 -2.12
C GLU C 68 19.54 0.20 -2.98
N THR C 69 19.62 -0.34 -4.21
CA THR C 69 18.52 -0.22 -5.15
C THR C 69 17.98 -1.56 -5.65
N GLU C 70 18.67 -2.68 -5.41
CA GLU C 70 18.24 -3.98 -5.89
C GLU C 70 18.07 -4.92 -4.69
N PHE C 71 16.93 -5.61 -4.65
CA PHE C 71 16.61 -6.52 -3.56
C PHE C 71 15.94 -7.76 -4.13
N THR C 72 16.01 -8.85 -3.37
CA THR C 72 15.53 -10.14 -3.85
C THR C 72 14.96 -10.95 -2.70
N LEU C 73 13.80 -11.55 -2.94
CA LEU C 73 13.20 -12.51 -2.02
C LEU C 73 13.25 -13.89 -2.64
N THR C 74 13.79 -14.86 -1.90
CA THR C 74 14.00 -16.21 -2.40
C THR C 74 13.27 -17.21 -1.51
N ILE C 75 12.48 -18.06 -2.13
CA ILE C 75 11.82 -19.19 -1.46
C ILE C 75 12.50 -20.45 -1.96
N SER C 76 13.31 -21.07 -1.10
CA SER C 76 14.19 -22.16 -1.53
C SER C 76 13.39 -23.35 -2.06
N SER C 77 12.35 -23.75 -1.32
CA SER C 77 11.49 -24.86 -1.74
C SER C 77 10.04 -24.43 -1.55
N LEU C 78 9.37 -24.12 -2.65
CA LEU C 78 8.02 -23.56 -2.59
C LEU C 78 7.04 -24.60 -2.07
N GLN C 79 6.24 -24.22 -1.08
CA GLN C 79 5.21 -25.07 -0.51
C GLN C 79 3.84 -24.64 -1.01
N SER C 80 2.85 -25.52 -0.80
CA SER C 80 1.51 -25.23 -1.27
C SER C 80 0.90 -24.04 -0.56
N GLU C 81 1.38 -23.73 0.65
CA GLU C 81 0.88 -22.60 1.42
C GLU C 81 1.54 -21.28 1.05
N ASP C 82 2.53 -21.31 0.17
CA ASP C 82 3.31 -20.11 -0.18
C ASP C 82 2.80 -19.40 -1.42
N PHE C 83 1.80 -19.96 -2.11
CA PHE C 83 1.24 -19.34 -3.30
C PHE C 83 0.33 -18.18 -2.88
N ALA C 84 0.79 -16.95 -3.08
CA ALA C 84 0.05 -15.74 -2.70
C ALA C 84 0.71 -14.55 -3.39
N LEU C 85 0.24 -13.35 -3.05
CA LEU C 85 0.86 -12.12 -3.52
C LEU C 85 2.00 -11.73 -2.59
N TYR C 86 3.05 -11.15 -3.17
CA TYR C 86 4.20 -10.71 -2.40
C TYR C 86 4.49 -9.25 -2.70
N TYR C 87 4.70 -8.46 -1.65
CA TYR C 87 4.97 -7.04 -1.78
C TYR C 87 6.28 -6.69 -1.08
N CYS C 88 7.10 -5.88 -1.73
CA CYS C 88 8.24 -5.25 -1.09
C CYS C 88 7.87 -3.84 -0.66
N GLN C 89 8.60 -3.33 0.33
CA GLN C 89 8.32 -2.02 0.91
C GLN C 89 9.61 -1.39 1.38
N GLN C 90 9.92 -0.21 0.85
CA GLN C 90 11.03 0.58 1.37
C GLN C 90 10.54 1.46 2.51
N TYR C 91 11.35 1.58 3.55
CA TYR C 91 11.05 2.47 4.66
C TYR C 91 12.22 3.41 4.95
N HIS C 92 13.01 3.73 3.93
CA HIS C 92 14.02 4.77 4.12
C HIS C 92 13.37 6.14 4.28
N THR C 93 12.15 6.30 3.79
CA THR C 93 11.34 7.48 4.07
C THR C 93 10.40 7.26 5.23
N TRP C 94 10.78 6.45 6.21
CA TRP C 94 9.89 6.13 7.33
C TRP C 94 9.70 7.28 8.31
N PRO C 95 10.69 8.17 8.52
CA PRO C 95 10.46 9.33 9.39
C PRO C 95 9.07 9.92 9.20
N PRO C 96 8.52 9.91 7.96
CA PRO C 96 7.05 9.97 7.82
C PRO C 96 6.41 8.74 7.16
N MET C 97 6.74 8.46 5.89
CA MET C 97 5.93 7.59 5.02
C MET C 97 6.64 6.28 4.67
N TYR C 98 6.17 5.62 3.59
CA TYR C 98 6.84 4.47 2.98
C TYR C 98 6.09 4.06 1.72
N THR C 99 6.76 3.37 0.78
CA THR C 99 6.14 2.98 -0.48
C THR C 99 6.26 1.48 -0.68
N PHE C 100 5.25 0.91 -1.34
CA PHE C 100 5.22 -0.51 -1.65
C PHE C 100 5.48 -0.73 -3.14
N GLY C 101 5.86 -1.96 -3.46
CA GLY C 101 5.87 -2.38 -4.84
C GLY C 101 4.49 -2.77 -5.31
N GLN C 102 4.34 -2.86 -6.63
CA GLN C 102 3.05 -3.20 -7.19
C GLN C 102 2.62 -4.64 -6.87
N GLY C 103 3.56 -5.48 -6.49
CA GLY C 103 3.24 -6.84 -6.07
C GLY C 103 3.62 -7.88 -7.11
N THR C 104 3.92 -9.08 -6.64
CA THR C 104 4.24 -10.22 -7.49
C THR C 104 3.34 -11.38 -7.09
N LYS C 105 2.60 -11.92 -8.04
CA LYS C 105 1.70 -13.04 -7.78
C LYS C 105 2.43 -14.35 -8.08
N VAL C 106 2.61 -15.17 -7.05
CA VAL C 106 3.20 -16.50 -7.19
C VAL C 106 2.05 -17.50 -7.28
N GLU C 107 2.05 -18.30 -8.35
CA GLU C 107 0.95 -19.20 -8.63
C GLU C 107 1.49 -20.57 -9.05
N ILE C 108 0.62 -21.58 -8.96
CA ILE C 108 1.01 -22.94 -9.31
C ILE C 108 1.18 -23.03 -10.82
N LYS C 109 2.31 -23.61 -11.25
CA LYS C 109 2.59 -23.78 -12.66
C LYS C 109 1.88 -25.01 -13.19
N ARG C 110 1.49 -24.95 -14.46
CA ARG C 110 0.88 -26.07 -15.14
C ARG C 110 1.11 -25.94 -16.63
N THR C 111 0.73 -26.97 -17.37
CA THR C 111 0.92 -26.98 -18.81
C THR C 111 -0.02 -25.98 -19.48
N VAL C 112 0.42 -25.46 -20.63
CA VAL C 112 -0.41 -24.54 -21.39
C VAL C 112 -1.72 -25.22 -21.76
N ALA C 113 -2.83 -24.52 -21.57
CA ALA C 113 -4.16 -25.05 -21.84
C ALA C 113 -4.92 -24.05 -22.70
N ALA C 114 -5.47 -24.51 -23.81
CA ALA C 114 -6.26 -23.67 -24.69
C ALA C 114 -7.65 -23.42 -24.10
N PRO C 115 -8.19 -22.22 -24.28
CA PRO C 115 -9.53 -21.91 -23.75
C PRO C 115 -10.63 -22.42 -24.67
N SER C 116 -11.71 -22.89 -24.06
CA SER C 116 -12.93 -23.24 -24.78
C SER C 116 -13.80 -21.99 -24.86
N VAL C 117 -13.96 -21.46 -26.07
CA VAL C 117 -14.61 -20.17 -26.28
C VAL C 117 -16.08 -20.38 -26.57
N PHE C 118 -16.94 -19.71 -25.81
CA PHE C 118 -18.37 -19.70 -26.02
C PHE C 118 -18.86 -18.26 -26.06
N ILE C 119 -19.88 -18.00 -26.88
CA ILE C 119 -20.46 -16.67 -27.03
C ILE C 119 -21.97 -16.77 -26.80
N PHE C 120 -22.51 -15.82 -26.04
CA PHE C 120 -23.92 -15.83 -25.68
C PHE C 120 -24.58 -14.53 -26.15
N PRO C 121 -25.58 -14.58 -27.01
CA PRO C 121 -26.30 -13.37 -27.40
C PRO C 121 -27.21 -12.90 -26.27
N PRO C 122 -27.63 -11.63 -26.30
CA PRO C 122 -28.50 -11.13 -25.23
C PRO C 122 -29.87 -11.82 -25.26
N SER C 123 -30.44 -11.98 -24.07
CA SER C 123 -31.73 -12.64 -23.94
C SER C 123 -32.86 -11.70 -24.35
N ASP C 124 -34.02 -12.30 -24.62
CA ASP C 124 -35.20 -11.50 -24.99
C ASP C 124 -35.75 -10.73 -23.81
N GLU C 125 -35.62 -11.27 -22.59
CA GLU C 125 -36.11 -10.55 -21.42
C GLU C 125 -35.32 -9.26 -21.20
N GLN C 126 -34.07 -9.22 -21.63
CA GLN C 126 -33.24 -8.04 -21.50
C GLN C 126 -33.46 -7.02 -22.60
N LEU C 127 -33.75 -7.49 -23.82
CA LEU C 127 -33.98 -6.56 -24.93
C LEU C 127 -35.21 -5.68 -24.69
N LYS C 128 -36.15 -6.14 -23.87
CA LYS C 128 -37.33 -5.34 -23.55
C LYS C 128 -37.02 -4.20 -22.58
N SER C 129 -35.82 -4.16 -22.03
CA SER C 129 -35.43 -3.12 -21.08
C SER C 129 -34.67 -1.97 -21.71
N GLY C 130 -34.03 -2.19 -22.85
CA GLY C 130 -33.30 -1.15 -23.55
C GLY C 130 -31.81 -1.41 -23.72
N THR C 131 -31.25 -2.41 -23.06
CA THR C 131 -29.84 -2.73 -23.16
C THR C 131 -29.67 -4.15 -23.70
N ALA C 132 -28.55 -4.37 -24.40
CA ALA C 132 -28.22 -5.67 -24.96
C ALA C 132 -26.79 -6.01 -24.54
N SER C 133 -26.64 -7.08 -23.75
CA SER C 133 -25.35 -7.49 -23.22
C SER C 133 -24.91 -8.78 -23.91
N VAL C 134 -23.91 -8.68 -24.78
CA VAL C 134 -23.31 -9.84 -25.40
C VAL C 134 -22.17 -10.33 -24.51
N VAL C 135 -22.12 -11.64 -24.27
CA VAL C 135 -21.18 -12.23 -23.34
C VAL C 135 -20.30 -13.24 -24.08
N CYS C 136 -18.99 -13.14 -23.89
CA CYS C 136 -18.03 -14.09 -24.43
C CYS C 136 -17.32 -14.77 -23.26
N LEU C 137 -17.10 -16.08 -23.38
CA LEU C 137 -16.57 -16.88 -22.30
C LEU C 137 -15.31 -17.61 -22.75
N LEU C 138 -14.26 -17.52 -21.94
CA LEU C 138 -13.04 -18.30 -22.10
C LEU C 138 -12.92 -19.19 -20.87
N ASN C 139 -12.94 -20.50 -21.06
CA ASN C 139 -13.04 -21.44 -19.95
C ASN C 139 -11.82 -22.34 -19.88
N ASN C 140 -11.24 -22.46 -18.68
CA ASN C 140 -10.18 -23.41 -18.35
C ASN C 140 -9.01 -23.29 -19.33
N PHE C 141 -8.28 -22.18 -19.20
CA PHE C 141 -7.08 -21.92 -19.99
C PHE C 141 -5.92 -21.58 -19.08
N TYR C 142 -4.72 -21.61 -19.65
CA TYR C 142 -3.50 -21.27 -18.93
C TYR C 142 -2.41 -20.94 -19.93
N PRO C 143 -1.63 -19.86 -19.73
CA PRO C 143 -1.63 -18.96 -18.56
C PRO C 143 -2.77 -17.96 -18.55
N ARG C 144 -2.74 -17.01 -17.60
CA ARG C 144 -3.79 -16.01 -17.51
C ARG C 144 -3.78 -15.05 -18.70
N GLU C 145 -2.61 -14.80 -19.28
CA GLU C 145 -2.48 -13.86 -20.38
C GLU C 145 -3.31 -14.29 -21.59
N ALA C 146 -4.44 -13.63 -21.80
CA ALA C 146 -5.32 -13.93 -22.92
C ALA C 146 -6.03 -12.66 -23.36
N LYS C 147 -5.93 -12.34 -24.64
CA LYS C 147 -6.54 -11.14 -25.20
C LYS C 147 -7.89 -11.46 -25.82
N VAL C 148 -8.87 -10.61 -25.53
CA VAL C 148 -10.23 -10.74 -26.06
C VAL C 148 -10.53 -9.51 -26.90
N GLN C 149 -10.73 -9.71 -28.20
CA GLN C 149 -11.01 -8.64 -29.14
C GLN C 149 -12.45 -8.76 -29.62
N TRP C 150 -13.24 -7.72 -29.38
CA TRP C 150 -14.64 -7.70 -29.81
C TRP C 150 -14.72 -7.10 -31.21
N LYS C 151 -15.21 -7.89 -32.15
CA LYS C 151 -15.43 -7.45 -33.53
C LYS C 151 -16.92 -7.40 -33.80
N VAL C 152 -17.43 -6.22 -34.14
CA VAL C 152 -18.82 -6.04 -34.54
C VAL C 152 -18.81 -5.69 -36.02
N ASP C 153 -19.20 -6.64 -36.87
CA ASP C 153 -19.06 -6.52 -38.32
C ASP C 153 -17.60 -6.26 -38.70
N ASN C 154 -16.69 -7.00 -38.05
CA ASN C 154 -15.25 -6.87 -38.25
C ASN C 154 -14.76 -5.46 -37.93
N ALA C 155 -15.37 -4.82 -36.92
CA ALA C 155 -14.93 -3.53 -36.42
C ALA C 155 -14.55 -3.70 -34.95
N LEU C 156 -13.28 -3.42 -34.63
CA LEU C 156 -12.81 -3.64 -33.27
C LEU C 156 -13.52 -2.72 -32.30
N GLN C 157 -13.99 -3.28 -31.19
CA GLN C 157 -14.75 -2.54 -30.18
C GLN C 157 -13.84 -2.21 -29.01
N SER C 158 -13.56 -0.93 -28.81
CA SER C 158 -12.77 -0.44 -27.69
C SER C 158 -13.65 0.46 -26.82
N GLY C 159 -13.44 0.37 -25.51
CA GLY C 159 -14.27 1.13 -24.59
C GLY C 159 -15.70 0.64 -24.50
N ASN C 160 -15.97 -0.60 -24.89
CA ASN C 160 -17.32 -1.14 -24.87
C ASN C 160 -17.47 -2.38 -23.99
N SER C 161 -16.38 -3.05 -23.62
CA SER C 161 -16.44 -4.32 -22.90
C SER C 161 -15.74 -4.23 -21.56
N GLN C 162 -16.08 -5.18 -20.69
CA GLN C 162 -15.43 -5.32 -19.39
C GLN C 162 -15.15 -6.79 -19.15
N GLU C 163 -13.89 -7.11 -18.87
CA GLU C 163 -13.48 -8.48 -18.66
C GLU C 163 -13.57 -8.85 -17.18
N SER C 164 -13.39 -10.13 -16.90
CA SER C 164 -13.41 -10.64 -15.52
C SER C 164 -12.75 -12.01 -15.49
N VAL C 165 -11.72 -12.14 -14.67
CA VAL C 165 -10.94 -13.38 -14.56
C VAL C 165 -11.18 -13.99 -13.19
N THR C 166 -11.22 -15.31 -13.14
CA THR C 166 -11.36 -16.03 -11.88
C THR C 166 -9.99 -16.36 -11.31
N GLU C 167 -9.98 -16.80 -10.06
CA GLU C 167 -8.77 -17.29 -9.44
C GLU C 167 -8.39 -18.64 -10.05
N GLN C 168 -7.20 -19.13 -9.70
CA GLN C 168 -6.78 -20.43 -10.17
C GLN C 168 -7.68 -21.51 -9.59
N ASP C 169 -8.10 -22.44 -10.45
CA ASP C 169 -8.98 -23.51 -10.02
C ASP C 169 -8.26 -24.44 -9.04
N SER C 170 -9.05 -25.11 -8.20
CA SER C 170 -8.51 -25.94 -7.15
C SER C 170 -7.99 -27.29 -7.66
N LYS C 171 -8.49 -27.77 -8.78
CA LYS C 171 -8.11 -29.08 -9.30
C LYS C 171 -7.24 -29.00 -10.56
N ASP C 172 -7.62 -28.15 -11.53
CA ASP C 172 -6.86 -28.02 -12.76
C ASP C 172 -5.97 -26.79 -12.79
N SER C 173 -6.14 -25.86 -11.86
CA SER C 173 -5.28 -24.68 -11.74
C SER C 173 -5.30 -23.82 -13.00
N THR C 174 -6.46 -23.75 -13.65
CA THR C 174 -6.64 -22.93 -14.83
C THR C 174 -7.47 -21.70 -14.48
N TYR C 175 -7.62 -20.82 -15.46
CA TYR C 175 -8.39 -19.59 -15.31
C TYR C 175 -9.64 -19.65 -16.17
N SER C 176 -10.51 -18.66 -15.96
CA SER C 176 -11.71 -18.49 -16.77
C SER C 176 -11.94 -17.00 -16.94
N LEU C 177 -12.19 -16.57 -18.17
CA LEU C 177 -12.36 -15.16 -18.50
C LEU C 177 -13.80 -14.91 -18.95
N SER C 178 -14.35 -13.76 -18.54
CA SER C 178 -15.72 -13.38 -18.88
C SER C 178 -15.71 -11.92 -19.31
N SER C 179 -15.74 -11.69 -20.62
CA SER C 179 -15.85 -10.34 -21.18
C SER C 179 -17.31 -10.11 -21.58
N THR C 180 -17.86 -8.97 -21.16
CA THR C 180 -19.25 -8.63 -21.41
C THR C 180 -19.32 -7.37 -22.25
N LEU C 181 -19.98 -7.46 -23.41
CA LEU C 181 -20.13 -6.34 -24.33
C LEU C 181 -21.54 -5.80 -24.19
N THR C 182 -21.68 -4.67 -23.49
CA THR C 182 -22.97 -4.05 -23.23
C THR C 182 -23.15 -2.82 -24.12
N LEU C 183 -24.31 -2.72 -24.75
CA LEU C 183 -24.64 -1.56 -25.57
C LEU C 183 -26.16 -1.44 -25.63
N SER C 184 -26.61 -0.28 -26.10
CA SER C 184 -28.05 0.01 -26.11
C SER C 184 -28.77 -0.88 -27.13
N LYS C 185 -30.06 -1.11 -26.85
CA LYS C 185 -30.88 -1.90 -27.76
C LYS C 185 -30.96 -1.25 -29.14
N ALA C 186 -30.98 0.09 -29.16
CA ALA C 186 -31.03 0.80 -30.44
C ALA C 186 -29.78 0.53 -31.27
N ASP C 187 -28.60 0.60 -30.62
CA ASP C 187 -27.35 0.32 -31.31
C ASP C 187 -27.13 -1.16 -31.56
N TYR C 188 -27.96 -2.03 -30.97
CA TYR C 188 -27.80 -3.47 -31.19
C TYR C 188 -28.31 -3.88 -32.56
N GLU C 189 -29.31 -3.17 -33.10
CA GLU C 189 -29.83 -3.49 -34.42
C GLU C 189 -29.16 -2.70 -35.54
N LYS C 190 -28.29 -1.75 -35.20
CA LYS C 190 -27.52 -1.04 -36.21
C LYS C 190 -26.44 -1.91 -36.85
N HIS C 191 -26.17 -3.08 -36.30
CA HIS C 191 -25.15 -3.99 -36.80
C HIS C 191 -25.76 -5.37 -36.97
N LYS C 192 -24.94 -6.33 -37.41
CA LYS C 192 -25.45 -7.65 -37.74
C LYS C 192 -24.64 -8.76 -37.10
N VAL C 193 -23.35 -8.82 -37.38
CA VAL C 193 -22.48 -9.91 -36.95
C VAL C 193 -21.75 -9.49 -35.69
N TYR C 194 -21.91 -10.28 -34.62
CA TYR C 194 -21.21 -10.06 -33.35
C TYR C 194 -20.26 -11.23 -33.12
N ALA C 195 -18.97 -10.92 -33.06
CA ALA C 195 -17.92 -11.93 -32.94
C ALA C 195 -17.17 -11.75 -31.62
N CYS C 196 -16.17 -12.62 -31.40
CA CYS C 196 -15.33 -12.54 -30.21
C CYS C 196 -14.00 -13.22 -30.54
N GLU C 197 -12.98 -12.42 -30.85
CA GLU C 197 -11.66 -12.96 -31.13
C GLU C 197 -10.93 -13.26 -29.82
N VAL C 198 -10.21 -14.38 -29.81
CA VAL C 198 -9.48 -14.83 -28.63
C VAL C 198 -8.07 -15.21 -29.06
N THR C 199 -7.08 -14.54 -28.50
CA THR C 199 -5.68 -14.86 -28.72
C THR C 199 -5.10 -15.41 -27.43
N HIS C 200 -4.36 -16.52 -27.53
CA HIS C 200 -3.82 -17.16 -26.34
C HIS C 200 -2.57 -17.94 -26.74
N GLN C 201 -1.72 -18.21 -25.74
CA GLN C 201 -0.50 -18.96 -25.98
C GLN C 201 -0.81 -20.39 -26.42
N GLY C 202 -1.92 -20.95 -25.97
CA GLY C 202 -2.29 -22.30 -26.33
C GLY C 202 -3.10 -22.40 -27.60
N LEU C 203 -3.04 -21.36 -28.44
CA LEU C 203 -3.76 -21.33 -29.70
C LEU C 203 -2.78 -21.00 -30.81
N SER C 204 -2.65 -21.92 -31.78
CA SER C 204 -1.76 -21.68 -32.92
C SER C 204 -2.27 -20.53 -33.80
N SER C 205 -3.54 -20.18 -33.69
CA SER C 205 -4.12 -19.07 -34.44
C SER C 205 -5.26 -18.50 -33.62
N PRO C 206 -5.53 -17.20 -33.73
CA PRO C 206 -6.67 -16.62 -32.98
C PRO C 206 -7.98 -17.27 -33.37
N VAL C 207 -8.70 -17.75 -32.37
CA VAL C 207 -9.96 -18.45 -32.56
C VAL C 207 -11.11 -17.47 -32.38
N THR C 208 -12.07 -17.49 -33.30
CA THR C 208 -13.20 -16.57 -33.29
C THR C 208 -14.49 -17.36 -33.22
N LYS C 209 -15.37 -16.99 -32.29
CA LYS C 209 -16.70 -17.56 -32.17
C LYS C 209 -17.72 -16.44 -32.30
N SER C 210 -18.55 -16.51 -33.33
CA SER C 210 -19.46 -15.42 -33.67
C SER C 210 -20.87 -15.97 -33.83
N PHE C 211 -21.81 -15.05 -34.07
CA PHE C 211 -23.19 -15.41 -34.38
C PHE C 211 -23.82 -14.29 -35.19
N ASN C 212 -24.95 -14.60 -35.82
CA ASN C 212 -25.72 -13.63 -36.58
C ASN C 212 -26.99 -13.29 -35.81
N ARG C 213 -27.30 -12.00 -35.74
CA ARG C 213 -28.49 -11.54 -35.03
C ARG C 213 -29.75 -12.08 -35.68
N GLY C 214 -30.33 -13.12 -35.09
CA GLY C 214 -31.52 -13.75 -35.63
C GLY C 214 -31.20 -14.96 -36.50
N GLU C 215 -30.63 -15.99 -35.88
CA GLU C 215 -30.27 -17.20 -36.61
C GLU C 215 -30.16 -18.39 -35.65
C1 NAG D . 37.52 27.71 9.57
C2 NAG D . 36.85 29.09 9.56
C3 NAG D . 37.06 29.77 8.22
C4 NAG D . 38.55 29.83 7.87
C5 NAG D . 39.16 28.43 7.95
C6 NAG D . 40.65 28.44 7.77
C7 NAG D . 34.84 29.70 10.82
C8 NAG D . 33.37 29.47 11.00
N2 NAG D . 35.43 28.98 9.86
O3 NAG D . 36.51 31.08 8.26
O4 NAG D . 38.72 30.35 6.57
O5 NAG D . 38.91 27.86 9.24
O6 NAG D . 41.22 27.17 8.05
O7 NAG D . 35.48 30.49 11.52
#